data_5LF5
#
_entry.id   5LF5
#
_cell.length_a   278.868
_cell.length_b   278.868
_cell.length_c   62.520
_cell.angle_alpha   90.00
_cell.angle_beta   90.00
_cell.angle_gamma   120.00
#
_symmetry.space_group_name_H-M   'P 32 2 1'
#
loop_
_entity.id
_entity.type
_entity.pdbx_description
1 polymer 'Myelin-associated glycoprotein'
2 branched alpha-L-fucopyranose-(1-6)-2-acetamido-2-deoxy-beta-D-glucopyranose
3 branched 'N-acetyl-alpha-neuraminic acid-(2-3)-beta-D-galactopyranose-(1-3)-2-acetamido-2-deoxy-beta-D-galactopyranose'
4 non-polymer alpha-D-mannopyranose
5 non-polymer 2-acetamido-2-deoxy-beta-D-glucopyranose
#
_entity_poly.entity_id   1
_entity_poly.type   'polypeptide(L)'
_entity_poly.pdbx_seq_one_letter_code
;GSGHWGAWMPSTISAFEGTCVSIPCRFDFPDELRPAVVHGVWYFNSPYPKNYPPVVFKSRTQVVHESFQGRSRLLGDLGL
RNCTLLLSTLSPELGGKYYFRGDLGGYNQYTFSEHSVLDIVNTPNIVVPPEVVAGTEVEVSCMVPDNCPELRPELSWLGH
EGLGEPTVLGRLREDEGTWVQVSLLHFVPTREANGHRLGCQAAFPNTTLQFEGYASLDVKYPPVIVEMNSSVEAIEGSHV
SLLCGADSNPPPLLTWMRDGMVLREAVAKSLYLDLEEVTPGEDGVYACLAENAYGQDNRTVELSVMYAPWKPTVNGTVVA
VEGETVSILCSTQSNPDPILTIFKEKQILATVIYESQLQLELPAVTPEDDGEYWCVAENQYGQRATAFNLSVEFAPIILL
ESHCAAARDTVQCLCVVKSNPEPSVAFELPSRNVTVNETEREFVYSERSGLLLTSILTIRGQAQAPPRVICTSRNLYGTQ
SLELPFQGAHRAAAHHHHHH
;
_entity_poly.pdbx_strand_id   A
#
# COMPACT_ATOMS: atom_id res chain seq x y z
N GLY A 3 -27.15 71.01 12.66
CA GLY A 3 -27.25 69.82 13.50
C GLY A 3 -26.40 69.92 14.74
N HIS A 4 -25.83 68.79 15.15
CA HIS A 4 -24.97 68.74 16.32
C HIS A 4 -23.51 68.60 15.86
N TRP A 5 -22.56 68.68 16.79
CA TRP A 5 -21.15 68.44 16.46
C TRP A 5 -20.98 67.02 15.94
N GLY A 6 -19.96 66.78 15.11
CA GLY A 6 -19.70 65.45 14.60
C GLY A 6 -18.98 65.40 13.27
N ALA A 7 -18.64 64.20 12.81
CA ALA A 7 -17.92 64.03 11.55
C ALA A 7 -18.07 62.62 10.97
N TRP A 8 -18.03 62.52 9.63
CA TRP A 8 -17.99 61.22 8.96
C TRP A 8 -16.58 61.00 8.43
N MET A 9 -16.07 59.79 8.66
CA MET A 9 -14.75 59.41 8.18
C MET A 9 -14.70 57.89 8.08
N PRO A 10 -14.01 57.37 7.05
CA PRO A 10 -13.85 55.91 6.98
C PRO A 10 -13.11 55.39 8.21
N SER A 11 -13.52 54.23 8.72
CA SER A 11 -12.83 53.64 9.86
C SER A 11 -11.44 53.18 9.44
N THR A 12 -11.40 52.20 8.54
CA THR A 12 -10.15 51.69 7.99
C THR A 12 -9.93 52.24 6.58
N ILE A 13 -8.66 52.54 6.27
CA ILE A 13 -8.30 52.97 4.93
C ILE A 13 -6.84 52.61 4.67
N SER A 14 -6.51 52.28 3.42
CA SER A 14 -5.17 51.79 3.11
C SER A 14 -4.69 52.14 1.70
N ALA A 15 -3.37 52.21 1.55
CA ALA A 15 -2.72 52.35 0.25
C ALA A 15 -1.31 51.78 0.33
N PHE A 16 -0.56 51.91 -0.76
CA PHE A 16 0.78 51.34 -0.83
C PHE A 16 1.85 52.32 -0.39
N GLU A 17 3.04 51.81 -0.13
CA GLU A 17 4.20 52.65 0.15
C GLU A 17 4.59 53.42 -1.11
N GLY A 18 4.62 54.75 -1.01
CA GLY A 18 5.08 55.57 -2.12
C GLY A 18 3.95 56.25 -2.87
N THR A 19 2.72 55.80 -2.62
CA THR A 19 1.56 56.43 -3.24
C THR A 19 0.88 57.35 -2.24
N CYS A 20 -0.19 58.00 -2.67
CA CYS A 20 -0.92 58.91 -1.80
C CYS A 20 -2.17 58.25 -1.23
N VAL A 21 -2.72 58.86 -0.19
CA VAL A 21 -4.04 58.48 0.30
C VAL A 21 -4.96 59.69 0.19
N SER A 22 -6.26 59.43 0.25
CA SER A 22 -7.24 60.48 0.15
C SER A 22 -8.37 60.23 1.13
N ILE A 23 -8.12 60.49 2.40
CA ILE A 23 -9.11 60.26 3.45
C ILE A 23 -10.30 61.20 3.29
N PRO A 24 -11.42 60.68 2.77
CA PRO A 24 -12.53 61.61 2.58
C PRO A 24 -13.17 61.92 3.91
N CYS A 25 -13.79 63.08 4.04
CA CYS A 25 -14.49 63.40 5.28
C CYS A 25 -15.57 64.46 5.10
N ARG A 26 -16.15 64.83 6.24
CA ARG A 26 -17.25 65.77 6.31
C ARG A 26 -17.44 66.01 7.80
N PHE A 27 -17.76 67.24 8.19
CA PHE A 27 -18.02 67.50 9.60
C PHE A 27 -19.14 68.50 9.79
N ASP A 28 -19.50 68.73 11.04
CA ASP A 28 -20.65 69.55 11.36
C ASP A 28 -20.51 70.18 12.75
N PHE A 29 -21.06 71.38 12.89
CA PHE A 29 -21.08 72.10 14.16
C PHE A 29 -22.46 72.72 14.33
N PRO A 30 -22.77 73.25 15.52
CA PRO A 30 -24.10 73.88 15.66
C PRO A 30 -24.27 75.03 14.69
N ASP A 31 -25.33 75.01 13.90
CA ASP A 31 -25.60 76.10 12.96
C ASP A 31 -25.87 77.38 13.73
N GLU A 32 -26.25 77.23 15.00
CA GLU A 32 -26.55 78.35 15.89
C GLU A 32 -25.46 79.41 15.90
N LEU A 33 -24.21 78.98 15.75
CA LEU A 33 -23.11 79.93 15.63
C LEU A 33 -22.82 80.19 14.15
N ARG A 34 -22.49 81.44 13.83
CA ARG A 34 -22.15 81.81 12.45
C ARG A 34 -20.73 82.37 12.28
N PRO A 35 -19.71 81.75 12.91
CA PRO A 35 -18.39 82.34 12.67
C PRO A 35 -17.90 82.07 11.26
N ALA A 36 -17.42 83.12 10.59
CA ALA A 36 -16.77 82.95 9.31
C ALA A 36 -15.41 82.28 9.53
N VAL A 37 -14.63 82.18 8.47
CA VAL A 37 -13.29 81.59 8.47
C VAL A 37 -13.12 80.36 9.38
N VAL A 38 -13.86 79.31 9.07
CA VAL A 38 -13.71 78.04 9.78
C VAL A 38 -12.30 77.47 9.59
N HIS A 39 -11.61 77.24 10.71
CA HIS A 39 -10.29 76.64 10.66
C HIS A 39 -10.34 75.25 11.27
N GLY A 40 -9.39 74.41 10.87
CA GLY A 40 -9.27 73.07 11.43
C GLY A 40 -7.83 72.60 11.52
N VAL A 41 -7.61 71.49 12.21
CA VAL A 41 -6.28 70.86 12.25
C VAL A 41 -6.38 69.35 12.12
N TRP A 42 -5.32 68.74 11.60
CA TRP A 42 -5.23 67.28 11.51
C TRP A 42 -4.12 66.76 12.41
N TYR A 43 -4.51 66.11 13.51
CA TYR A 43 -3.54 65.55 14.44
C TYR A 43 -3.28 64.08 14.15
N PHE A 44 -2.02 63.71 14.06
CA PHE A 44 -1.61 62.31 13.91
C PHE A 44 -1.50 61.67 15.30
N ASN A 45 -1.89 60.40 15.39
CA ASN A 45 -1.74 59.60 16.61
C ASN A 45 -2.57 60.07 17.81
N SER A 46 -2.31 61.28 18.30
CA SER A 46 -3.00 61.77 19.49
C SER A 46 -4.10 62.77 19.12
N PRO A 47 -5.18 62.81 19.92
CA PRO A 47 -6.36 63.64 19.61
C PRO A 47 -6.41 65.05 20.22
N TYR A 48 -5.77 65.28 21.37
CA TYR A 48 -5.93 66.56 22.07
C TYR A 48 -4.61 67.35 22.14
N PRO A 49 -4.71 68.69 22.27
CA PRO A 49 -3.50 69.52 22.31
C PRO A 49 -2.65 69.34 23.57
N LYS A 50 -3.31 69.15 24.72
CA LYS A 50 -2.62 68.97 26.01
C LYS A 50 -1.40 68.07 25.86
N ASN A 51 -1.62 66.86 25.37
CA ASN A 51 -0.55 65.99 24.93
C ASN A 51 -0.21 66.26 23.46
N TYR A 52 0.91 66.95 23.23
CA TYR A 52 1.31 67.37 21.89
C TYR A 52 1.38 66.22 20.89
N PRO A 53 0.57 66.31 19.82
CA PRO A 53 0.61 65.37 18.70
C PRO A 53 1.32 65.96 17.49
N PRO A 54 1.72 65.10 16.55
CA PRO A 54 2.25 65.61 15.28
C PRO A 54 1.17 66.36 14.51
N VAL A 55 1.52 67.51 13.96
CA VAL A 55 0.56 68.32 13.20
C VAL A 55 0.62 67.94 11.71
N VAL A 56 -0.40 67.22 11.24
CA VAL A 56 -0.47 66.85 9.83
C VAL A 56 -0.88 68.05 9.00
N PHE A 57 -1.88 68.78 9.47
CA PHE A 57 -2.25 70.05 8.86
C PHE A 57 -2.86 71.02 9.88
N LYS A 58 -2.60 72.30 9.68
CA LYS A 58 -3.21 73.36 10.49
C LYS A 58 -3.42 74.60 9.62
N SER A 59 -4.65 75.10 9.61
CA SER A 59 -5.03 76.20 8.74
C SER A 59 -4.17 77.46 8.94
N ARG A 60 -3.66 77.98 7.83
CA ARG A 60 -2.80 79.16 7.81
C ARG A 60 -1.55 78.94 8.68
N THR A 61 -0.91 77.80 8.47
CA THR A 61 0.39 77.50 9.06
C THR A 61 1.15 76.54 8.15
N GLN A 62 2.29 76.98 7.62
CA GLN A 62 3.12 76.10 6.79
C GLN A 62 3.86 75.13 7.69
N VAL A 63 4.13 75.57 8.91
CA VAL A 63 4.86 74.75 9.87
C VAL A 63 4.02 73.57 10.33
N VAL A 64 4.44 72.38 9.91
CA VAL A 64 3.82 71.16 10.39
C VAL A 64 4.88 70.25 10.97
N HIS A 65 4.49 69.05 11.37
CA HIS A 65 5.46 68.09 11.87
C HIS A 65 6.39 67.71 10.72
N GLU A 66 7.67 67.54 11.04
CA GLU A 66 8.67 67.22 10.02
C GLU A 66 8.37 65.89 9.33
N SER A 67 7.56 65.06 9.99
CA SER A 67 7.18 63.77 9.44
C SER A 67 6.05 63.92 8.41
N PHE A 68 5.64 65.16 8.16
CA PHE A 68 4.59 65.45 7.18
C PHE A 68 4.92 66.66 6.32
N GLN A 69 6.08 67.26 6.55
CA GLN A 69 6.47 68.46 5.80
C GLN A 69 6.57 68.17 4.31
N GLY A 70 5.70 68.79 3.54
CA GLY A 70 5.65 68.58 2.10
C GLY A 70 5.03 67.24 1.77
N ARG A 71 4.40 66.64 2.78
CA ARG A 71 3.82 65.32 2.65
C ARG A 71 2.29 65.37 2.75
N SER A 72 1.77 66.52 3.17
CA SER A 72 0.34 66.67 3.40
C SER A 72 -0.24 67.88 2.68
N ARG A 73 -1.53 67.80 2.36
CA ARG A 73 -2.25 68.94 1.79
C ARG A 73 -3.76 68.69 1.90
N LEU A 74 -4.52 69.76 2.08
CA LEU A 74 -5.96 69.65 2.30
C LEU A 74 -6.73 69.97 1.04
N LEU A 75 -7.81 69.23 0.80
CA LEU A 75 -8.67 69.46 -0.35
C LEU A 75 -10.06 69.90 0.12
N GLY A 76 -10.62 70.90 -0.56
CA GLY A 76 -11.95 71.37 -0.24
C GLY A 76 -11.97 72.53 0.74
N ASP A 77 -12.85 73.49 0.50
CA ASP A 77 -13.05 74.59 1.43
C ASP A 77 -13.73 74.05 2.69
N LEU A 78 -13.12 74.33 3.83
CA LEU A 78 -13.69 73.88 5.10
C LEU A 78 -15.02 74.58 5.36
N GLY A 79 -15.26 75.65 4.62
CA GLY A 79 -16.54 76.35 4.66
C GLY A 79 -17.67 75.45 4.26
N LEU A 80 -17.44 74.61 3.25
CA LEU A 80 -18.41 73.61 2.83
C LEU A 80 -18.27 72.34 3.67
N ARG A 81 -17.61 72.48 4.82
CA ARG A 81 -17.42 71.40 5.78
C ARG A 81 -16.63 70.23 5.20
N ASN A 82 -15.86 70.50 4.15
CA ASN A 82 -15.11 69.45 3.48
C ASN A 82 -13.63 69.49 3.83
N CYS A 83 -13.19 68.53 4.63
CA CYS A 83 -11.82 68.54 5.16
C CYS A 83 -10.99 67.35 4.68
N THR A 84 -11.33 66.80 3.52
CA THR A 84 -10.59 65.66 2.97
C THR A 84 -9.09 65.95 2.91
N LEU A 85 -8.29 64.94 3.24
CA LEU A 85 -6.86 65.11 3.39
C LEU A 85 -6.08 64.13 2.50
N LEU A 86 -5.06 64.65 1.83
CA LEU A 86 -4.22 63.85 0.94
C LEU A 86 -2.79 63.77 1.46
N LEU A 87 -2.26 62.56 1.52
CA LEU A 87 -0.88 62.35 1.98
C LEU A 87 -0.04 61.62 0.94
N SER A 88 0.74 62.36 0.17
CA SER A 88 1.58 61.76 -0.87
C SER A 88 2.87 61.21 -0.25
N THR A 89 3.55 60.34 -0.99
CA THR A 89 4.82 59.73 -0.55
C THR A 89 4.68 59.08 0.83
N LEU A 90 3.91 58.00 0.91
CA LEU A 90 3.72 57.35 2.19
C LEU A 90 4.92 56.51 2.60
N SER A 91 5.11 56.39 3.91
CA SER A 91 6.12 55.52 4.47
C SER A 91 5.51 54.78 5.65
N PRO A 92 6.03 53.57 5.96
CA PRO A 92 5.59 52.77 7.10
C PRO A 92 5.38 53.59 8.37
N GLU A 93 6.18 54.63 8.54
CA GLU A 93 6.08 55.54 9.68
C GLU A 93 4.70 56.18 9.79
N LEU A 94 4.09 56.45 8.64
CA LEU A 94 2.84 57.20 8.58
C LEU A 94 1.63 56.31 8.86
N GLY A 95 1.86 55.06 9.19
CA GLY A 95 0.80 54.19 9.64
C GLY A 95 0.38 54.56 11.05
N GLY A 96 -0.91 54.86 11.22
CA GLY A 96 -1.43 55.25 12.52
C GLY A 96 -2.83 55.81 12.44
N LYS A 97 -3.32 56.33 13.57
CA LYS A 97 -4.65 56.92 13.61
C LYS A 97 -4.61 58.43 13.38
N TYR A 98 -5.64 58.94 12.70
CA TYR A 98 -5.70 60.34 12.29
C TYR A 98 -7.01 60.99 12.75
N TYR A 99 -6.92 61.85 13.78
CA TYR A 99 -8.09 62.58 14.25
C TYR A 99 -8.21 63.92 13.52
N PHE A 100 -9.44 64.45 13.45
CA PHE A 100 -9.62 65.81 12.91
C PHE A 100 -10.32 66.72 13.93
N ARG A 101 -9.88 67.98 13.95
CA ARG A 101 -10.31 68.95 14.95
C ARG A 101 -10.64 70.29 14.30
N GLY A 102 -11.67 70.97 14.81
CA GLY A 102 -12.10 72.23 14.25
C GLY A 102 -11.98 73.40 15.20
N ASP A 103 -11.57 74.56 14.66
CA ASP A 103 -11.32 75.74 15.49
C ASP A 103 -12.01 76.97 14.92
N LEU A 104 -13.30 77.10 15.19
CA LEU A 104 -14.02 78.32 14.86
C LEU A 104 -14.23 79.13 16.13
N GLY A 105 -13.83 80.39 16.11
CA GLY A 105 -13.91 81.23 17.29
C GLY A 105 -13.08 80.71 18.44
N GLY A 106 -13.28 81.26 19.63
CA GLY A 106 -12.53 80.87 20.81
C GLY A 106 -13.36 79.99 21.71
N TYR A 107 -12.72 78.95 22.26
CA TYR A 107 -13.35 77.96 23.14
C TYR A 107 -14.32 77.04 22.39
N ASN A 108 -14.66 77.39 21.15
CA ASN A 108 -15.46 76.52 20.30
C ASN A 108 -14.55 75.61 19.47
N GLN A 109 -13.72 74.84 20.17
CA GLN A 109 -12.79 73.95 19.52
C GLN A 109 -13.14 72.51 19.84
N TYR A 110 -13.24 71.66 18.82
CA TYR A 110 -13.73 70.31 19.02
C TYR A 110 -12.93 69.29 18.20
N THR A 111 -12.34 68.32 18.91
CA THR A 111 -11.73 67.17 18.25
C THR A 111 -12.76 66.06 18.16
N PHE A 112 -13.14 65.70 16.95
CA PHE A 112 -14.20 64.73 16.72
C PHE A 112 -13.75 63.31 17.07
N SER A 113 -14.62 62.58 17.77
CA SER A 113 -14.28 61.28 18.33
C SER A 113 -14.06 60.19 17.29
N GLU A 114 -14.59 60.40 16.09
CA GLU A 114 -14.43 59.43 15.01
C GLU A 114 -13.10 59.64 14.29
N HIS A 115 -12.33 58.56 14.19
CA HIS A 115 -10.99 58.64 13.61
C HIS A 115 -10.77 57.58 12.55
N SER A 116 -9.95 57.91 11.55
CA SER A 116 -9.58 56.94 10.52
C SER A 116 -8.20 56.36 10.84
N VAL A 117 -8.03 55.07 10.57
CA VAL A 117 -6.74 54.43 10.78
C VAL A 117 -6.11 54.09 9.44
N LEU A 118 -4.91 54.61 9.22
CA LEU A 118 -4.24 54.45 7.94
C LEU A 118 -3.37 53.21 7.89
N ASP A 119 -3.78 52.23 7.09
CA ASP A 119 -2.98 51.04 6.86
C ASP A 119 -2.08 51.27 5.65
N ILE A 120 -0.86 50.75 5.71
CA ILE A 120 0.05 50.86 4.57
C ILE A 120 0.62 49.48 4.24
N VAL A 121 0.16 48.95 3.12
CA VAL A 121 0.54 47.60 2.70
C VAL A 121 1.50 47.66 1.52
N ASN A 122 2.32 46.62 1.38
CA ASN A 122 3.24 46.52 0.25
C ASN A 122 3.01 45.23 -0.53
N THR A 123 1.78 44.72 -0.45
CA THR A 123 1.40 43.50 -1.15
C THR A 123 -0.11 43.47 -1.41
N PRO A 124 -0.51 43.03 -2.61
CA PRO A 124 -1.92 42.97 -3.00
C PRO A 124 -2.68 41.87 -2.25
N ASN A 125 -4.00 41.83 -2.44
CA ASN A 125 -4.84 40.88 -1.73
C ASN A 125 -5.49 39.87 -2.68
N ILE A 126 -5.10 38.61 -2.57
CA ILE A 126 -5.67 37.56 -3.40
C ILE A 126 -6.68 36.72 -2.63
N VAL A 127 -7.88 36.58 -3.18
CA VAL A 127 -8.96 35.85 -2.51
C VAL A 127 -9.23 34.51 -3.19
N VAL A 128 -9.34 33.46 -2.38
CA VAL A 128 -9.61 32.12 -2.89
C VAL A 128 -10.67 31.44 -2.01
N PRO A 129 -11.69 30.84 -2.64
CA PRO A 129 -12.70 30.07 -1.91
C PRO A 129 -12.08 28.93 -1.10
N PRO A 130 -12.70 28.56 0.03
CA PRO A 130 -12.21 27.51 0.94
C PRO A 130 -12.06 26.15 0.26
N GLU A 131 -13.10 25.71 -0.42
CA GLU A 131 -13.04 24.46 -1.16
C GLU A 131 -12.86 24.71 -2.65
N VAL A 132 -11.79 24.15 -3.20
CA VAL A 132 -11.54 24.24 -4.63
C VAL A 132 -11.48 22.85 -5.22
N VAL A 133 -12.64 22.28 -5.55
CA VAL A 133 -12.67 20.95 -6.13
C VAL A 133 -12.05 20.99 -7.54
N ALA A 134 -11.36 19.91 -7.92
CA ALA A 134 -10.66 19.85 -9.18
C ALA A 134 -11.62 19.84 -10.38
N GLY A 135 -12.74 19.15 -10.24
CA GLY A 135 -13.67 18.99 -11.35
C GLY A 135 -14.57 20.19 -11.58
N THR A 136 -14.55 21.15 -10.67
CA THR A 136 -15.47 22.29 -10.75
C THR A 136 -14.75 23.57 -11.12
N GLU A 137 -15.43 24.41 -11.91
CA GLU A 137 -14.93 25.75 -12.22
C GLU A 137 -14.86 26.58 -10.95
N VAL A 138 -13.75 27.27 -10.76
CA VAL A 138 -13.53 28.08 -9.56
C VAL A 138 -12.90 29.41 -9.91
N GLU A 139 -13.48 30.50 -9.44
CA GLU A 139 -12.95 31.84 -9.73
C GLU A 139 -12.18 32.40 -8.53
N VAL A 140 -11.15 33.19 -8.83
CA VAL A 140 -10.39 33.88 -7.80
C VAL A 140 -10.28 35.36 -8.14
N SER A 141 -10.25 36.20 -7.11
CA SER A 141 -10.19 37.64 -7.30
C SER A 141 -8.86 38.21 -6.83
N CYS A 142 -8.61 39.47 -7.18
CA CYS A 142 -7.43 40.18 -6.74
C CYS A 142 -7.77 41.64 -6.44
N MET A 143 -7.78 41.97 -5.15
CA MET A 143 -8.23 43.30 -4.72
C MET A 143 -7.08 44.19 -4.26
N VAL A 144 -7.02 45.39 -4.82
CA VAL A 144 -5.99 46.38 -4.47
C VAL A 144 -6.62 47.73 -4.14
N PRO A 145 -6.26 48.28 -2.97
CA PRO A 145 -6.81 49.55 -2.48
C PRO A 145 -6.52 50.74 -3.39
N ASP A 146 -7.50 51.11 -4.20
CA ASP A 146 -7.37 52.27 -5.09
C ASP A 146 -7.92 53.52 -4.41
N ASN A 147 -7.15 54.04 -3.46
CA ASN A 147 -7.57 55.22 -2.69
C ASN A 147 -6.71 56.45 -3.01
N CYS A 148 -5.97 56.39 -4.12
CA CYS A 148 -5.06 57.47 -4.48
C CYS A 148 -5.53 58.22 -5.74
N PRO A 149 -5.76 59.53 -5.59
CA PRO A 149 -6.17 60.39 -6.69
C PRO A 149 -5.05 60.70 -7.68
N GLU A 150 -3.81 60.47 -7.30
CA GLU A 150 -2.68 60.85 -8.15
C GLU A 150 -2.13 59.67 -8.96
N LEU A 151 -2.26 58.46 -8.43
CA LEU A 151 -1.78 57.27 -9.14
C LEU A 151 -2.90 56.26 -9.32
N ARG A 152 -2.90 55.58 -10.46
CA ARG A 152 -3.95 54.63 -10.80
C ARG A 152 -3.38 53.24 -11.08
N PRO A 153 -3.53 52.32 -10.11
CA PRO A 153 -3.01 50.96 -10.19
C PRO A 153 -3.62 50.14 -11.32
N GLU A 154 -2.78 49.36 -12.01
CA GLU A 154 -3.25 48.41 -13.00
C GLU A 154 -2.80 47.01 -12.61
N LEU A 155 -3.73 46.06 -12.66
CA LEU A 155 -3.49 44.71 -12.15
C LEU A 155 -3.05 43.73 -13.23
N SER A 156 -2.09 42.88 -12.86
CA SER A 156 -1.55 41.90 -13.80
C SER A 156 -1.39 40.54 -13.12
N TRP A 157 -2.20 39.57 -13.55
CA TRP A 157 -2.03 38.20 -13.08
C TRP A 157 -0.74 37.62 -13.64
N LEU A 158 0.18 37.25 -12.75
CA LEU A 158 1.39 36.57 -13.19
C LEU A 158 1.38 35.13 -12.67
N GLY A 159 1.96 34.23 -13.44
CA GLY A 159 1.98 32.82 -13.09
C GLY A 159 0.69 32.11 -13.46
N HIS A 160 -0.27 32.86 -13.98
CA HIS A 160 -1.56 32.27 -14.37
C HIS A 160 -1.37 31.31 -15.53
N GLU A 161 -0.45 31.65 -16.43
CA GLU A 161 -0.05 30.78 -17.54
C GLU A 161 -1.22 30.25 -18.35
N GLY A 162 -1.42 28.93 -18.29
CA GLY A 162 -2.42 28.26 -19.09
C GLY A 162 -3.85 28.46 -18.62
N LEU A 163 -4.01 29.02 -17.43
CA LEU A 163 -5.35 29.29 -16.90
C LEU A 163 -6.00 30.41 -17.71
N GLY A 164 -7.33 30.39 -17.74
CA GLY A 164 -8.11 31.34 -18.53
C GLY A 164 -7.71 32.79 -18.31
N GLU A 165 -7.86 33.61 -19.35
CA GLU A 165 -7.47 35.02 -19.28
C GLU A 165 -8.31 35.78 -18.26
N PRO A 166 -7.72 36.82 -17.65
CA PRO A 166 -8.39 37.61 -16.62
C PRO A 166 -9.42 38.59 -17.17
N THR A 167 -10.56 38.70 -16.49
CA THR A 167 -11.55 39.70 -16.81
C THR A 167 -11.38 40.88 -15.86
N VAL A 168 -11.02 42.03 -16.41
CA VAL A 168 -10.76 43.22 -15.60
C VAL A 168 -12.05 43.86 -15.09
N LEU A 169 -12.02 44.31 -13.84
CA LEU A 169 -13.12 45.06 -13.27
C LEU A 169 -12.61 46.41 -12.79
N GLY A 170 -13.51 47.37 -12.66
CA GLY A 170 -13.13 48.69 -12.18
C GLY A 170 -13.02 48.76 -10.68
N ARG A 171 -12.91 49.98 -10.16
CA ARG A 171 -12.93 50.19 -8.72
C ARG A 171 -14.33 49.92 -8.16
N LEU A 172 -14.39 49.33 -6.96
CA LEU A 172 -15.66 48.97 -6.36
C LEU A 172 -15.80 49.52 -4.94
N ARG A 173 -17.03 49.85 -4.57
CA ARG A 173 -17.33 50.43 -3.25
C ARG A 173 -16.99 49.47 -2.11
N GLU A 174 -15.99 49.82 -1.31
CA GLU A 174 -15.64 49.04 -0.14
C GLU A 174 -16.07 49.77 1.14
N ASP A 175 -16.73 49.03 2.04
CA ASP A 175 -17.21 49.57 3.31
C ASP A 175 -18.03 50.84 3.10
N GLU A 176 -17.56 51.93 3.70
CA GLU A 176 -18.18 53.24 3.50
C GLU A 176 -17.13 54.26 3.12
N GLY A 177 -16.99 54.53 1.83
CA GLY A 177 -16.14 55.61 1.35
C GLY A 177 -14.73 55.25 0.97
N THR A 178 -14.45 53.96 0.78
CA THR A 178 -13.15 53.55 0.27
C THR A 178 -13.32 52.72 -0.99
N TRP A 179 -12.37 52.82 -1.91
CA TRP A 179 -12.47 52.13 -3.19
C TRP A 179 -11.33 51.12 -3.38
N VAL A 180 -11.60 50.10 -4.20
CA VAL A 180 -10.65 49.02 -4.44
C VAL A 180 -10.78 48.49 -5.88
N GLN A 181 -9.65 48.36 -6.57
CA GLN A 181 -9.63 47.81 -7.92
C GLN A 181 -9.52 46.29 -7.92
N VAL A 182 -10.48 45.62 -8.55
CA VAL A 182 -10.52 44.16 -8.57
C VAL A 182 -10.34 43.60 -9.97
N SER A 183 -9.58 42.51 -10.08
CA SER A 183 -9.48 41.77 -11.34
C SER A 183 -9.75 40.30 -11.08
N LEU A 184 -10.74 39.75 -11.77
CA LEU A 184 -11.13 38.35 -11.57
C LEU A 184 -10.31 37.39 -12.42
N LEU A 185 -10.44 36.10 -12.11
CA LEU A 185 -9.77 35.06 -12.88
C LEU A 185 -10.64 33.80 -12.93
N HIS A 186 -11.07 33.42 -14.12
CA HIS A 186 -11.91 32.25 -14.31
C HIS A 186 -11.11 31.08 -14.87
N PHE A 187 -11.09 29.95 -14.16
CA PHE A 187 -10.37 28.77 -14.66
C PHE A 187 -10.84 27.45 -14.07
N VAL A 188 -10.24 26.36 -14.57
CA VAL A 188 -10.50 25.02 -14.08
C VAL A 188 -9.19 24.37 -13.63
N PRO A 189 -9.20 23.74 -12.45
CA PRO A 189 -7.93 23.19 -11.93
C PRO A 189 -7.74 21.69 -12.14
N THR A 190 -6.58 21.31 -12.65
CA THR A 190 -6.20 19.90 -12.72
C THR A 190 -5.97 19.40 -11.30
N ARG A 191 -5.92 18.07 -11.14
CA ARG A 191 -5.55 17.48 -9.85
C ARG A 191 -4.20 18.01 -9.40
N GLU A 192 -3.28 18.14 -10.36
CA GLU A 192 -1.92 18.57 -10.08
C GLU A 192 -1.83 20.00 -9.56
N ALA A 193 -2.81 20.83 -9.96
CA ALA A 193 -2.80 22.27 -9.70
C ALA A 193 -2.50 22.63 -8.24
N ASN A 194 -2.82 21.74 -7.32
CA ASN A 194 -2.51 21.95 -5.90
C ASN A 194 -1.02 22.14 -5.71
N GLY A 195 -0.67 23.18 -4.97
CA GLY A 195 0.73 23.48 -4.72
C GLY A 195 1.28 24.44 -5.76
N HIS A 196 0.42 24.93 -6.65
CA HIS A 196 0.84 25.89 -7.66
C HIS A 196 0.78 27.30 -7.11
N ARG A 197 1.82 28.08 -7.42
CA ARG A 197 1.92 29.45 -6.93
C ARG A 197 1.29 30.43 -7.93
N LEU A 198 0.25 31.13 -7.49
CA LEU A 198 -0.44 32.11 -8.32
C LEU A 198 -0.18 33.52 -7.83
N GLY A 199 0.09 34.45 -8.74
CA GLY A 199 0.48 35.79 -8.38
C GLY A 199 -0.33 36.91 -8.99
N CYS A 200 -0.34 38.04 -8.30
CA CYS A 200 -0.99 39.26 -8.78
C CYS A 200 -0.09 40.46 -8.57
N GLN A 201 0.17 41.20 -9.64
CA GLN A 201 1.06 42.36 -9.56
C GLN A 201 0.34 43.66 -9.88
N ALA A 202 0.53 44.66 -9.01
CA ALA A 202 -0.01 45.99 -9.24
C ALA A 202 1.13 46.99 -9.46
N ALA A 203 1.03 47.77 -10.53
CA ALA A 203 2.06 48.76 -10.85
C ALA A 203 1.43 50.04 -11.41
N PHE A 204 2.22 51.11 -11.42
CA PHE A 204 1.73 52.42 -11.84
C PHE A 204 2.55 52.96 -13.01
N PRO A 205 1.87 53.30 -14.12
CA PRO A 205 2.40 53.66 -15.45
C PRO A 205 3.72 54.44 -15.45
N ASN A 206 3.75 55.62 -14.85
CA ASN A 206 4.93 56.46 -14.90
C ASN A 206 5.96 56.15 -13.81
N THR A 207 5.55 55.42 -12.79
CA THR A 207 6.41 55.15 -11.64
C THR A 207 7.27 53.91 -11.82
N THR A 208 8.11 53.64 -10.82
CA THR A 208 8.91 52.44 -10.78
C THR A 208 8.36 51.51 -9.71
N LEU A 209 7.20 51.87 -9.18
CA LEU A 209 6.56 51.11 -8.11
C LEU A 209 5.85 49.85 -8.62
N GLN A 210 6.26 48.71 -8.07
CA GLN A 210 5.65 47.43 -8.42
C GLN A 210 5.47 46.59 -7.17
N PHE A 211 4.24 46.17 -6.90
CA PHE A 211 3.95 45.38 -5.72
C PHE A 211 3.38 44.01 -6.08
N GLU A 212 4.17 42.97 -5.83
CA GLU A 212 3.76 41.61 -6.11
C GLU A 212 3.17 40.93 -4.88
N GLY A 213 2.31 39.95 -5.09
CA GLY A 213 1.72 39.18 -4.02
C GLY A 213 1.36 37.79 -4.48
N TYR A 214 1.70 36.79 -3.68
CA TYR A 214 1.51 35.40 -4.08
C TYR A 214 0.45 34.66 -3.27
N ALA A 215 0.07 33.49 -3.78
CA ALA A 215 -0.88 32.61 -3.12
C ALA A 215 -0.78 31.22 -3.71
N SER A 216 -0.63 30.22 -2.87
CA SER A 216 -0.56 28.84 -3.34
C SER A 216 -1.90 28.14 -3.15
N LEU A 217 -2.41 27.59 -4.25
CA LEU A 217 -3.73 26.97 -4.25
C LEU A 217 -3.74 25.68 -3.47
N ASP A 218 -4.95 25.28 -3.09
CA ASP A 218 -5.19 24.07 -2.34
C ASP A 218 -6.38 23.40 -2.99
N VAL A 219 -6.23 22.96 -4.26
CA VAL A 219 -7.35 22.31 -4.95
C VAL A 219 -7.45 20.86 -4.49
N LYS A 220 -8.66 20.45 -4.09
CA LYS A 220 -8.89 19.08 -3.63
C LYS A 220 -9.09 18.13 -4.78
N TYR A 221 -8.43 16.98 -4.71
CA TYR A 221 -8.58 15.98 -5.75
C TYR A 221 -8.70 14.57 -5.22
N PRO A 222 -9.42 13.71 -5.96
CA PRO A 222 -9.58 12.34 -5.46
C PRO A 222 -8.25 11.59 -5.52
N PRO A 223 -8.13 10.51 -4.74
CA PRO A 223 -6.91 9.69 -4.69
C PRO A 223 -6.65 8.89 -5.96
N VAL A 224 -5.40 8.86 -6.41
CA VAL A 224 -5.00 7.95 -7.48
C VAL A 224 -3.83 7.08 -7.01
N ILE A 225 -4.08 5.79 -6.80
CA ILE A 225 -3.04 4.86 -6.35
C ILE A 225 -1.94 4.74 -7.41
N VAL A 226 -0.76 5.26 -7.07
CA VAL A 226 0.37 5.31 -8.01
C VAL A 226 1.44 4.28 -7.67
N GLU A 227 1.47 3.84 -6.42
CA GLU A 227 2.44 2.84 -6.00
C GLU A 227 1.76 1.53 -5.63
N MET A 228 2.07 0.50 -6.41
CA MET A 228 1.45 -0.79 -6.20
C MET A 228 2.37 -1.86 -6.77
N ASN A 229 2.61 -2.89 -5.97
CA ASN A 229 3.49 -4.00 -6.33
C ASN A 229 2.98 -4.84 -7.48
N SER A 230 3.90 -5.39 -8.27
CA SER A 230 3.46 -6.35 -9.27
C SER A 230 3.18 -7.66 -8.54
N SER A 231 2.90 -8.72 -9.31
CA SER A 231 2.61 -10.01 -8.69
C SER A 231 3.73 -10.55 -7.77
N VAL A 232 3.44 -10.58 -6.46
CA VAL A 232 4.38 -11.00 -5.43
C VAL A 232 4.40 -12.52 -5.22
N GLU A 233 5.54 -13.20 -5.38
CA GLU A 233 5.55 -14.64 -5.10
C GLU A 233 6.44 -15.01 -3.89
N ALA A 234 5.83 -15.28 -2.74
CA ALA A 234 6.58 -15.38 -1.49
C ALA A 234 6.73 -16.79 -0.88
N ILE A 235 7.76 -16.97 -0.04
CA ILE A 235 7.99 -18.21 0.70
C ILE A 235 7.33 -18.25 2.09
N GLU A 236 6.74 -19.39 2.46
CA GLU A 236 6.18 -19.62 3.81
C GLU A 236 7.16 -19.29 4.94
N GLY A 237 6.70 -18.48 5.88
CA GLY A 237 7.48 -18.12 7.07
C GLY A 237 8.38 -16.95 6.79
N SER A 238 8.37 -16.50 5.54
CA SER A 238 9.20 -15.39 5.14
C SER A 238 8.43 -14.17 5.66
N HIS A 239 8.94 -12.97 5.41
CA HIS A 239 8.24 -11.75 5.80
C HIS A 239 7.74 -11.06 4.53
N VAL A 240 6.45 -10.69 4.51
CA VAL A 240 5.89 -10.07 3.32
C VAL A 240 5.36 -8.67 3.62
N SER A 241 5.89 -7.68 2.91
CA SER A 241 5.39 -6.32 3.05
C SER A 241 4.63 -5.86 1.81
N LEU A 242 3.34 -5.63 1.97
CA LEU A 242 2.53 -5.09 0.88
C LEU A 242 2.41 -3.58 1.04
N LEU A 243 2.68 -2.84 -0.03
CA LEU A 243 2.62 -1.39 0.04
C LEU A 243 1.54 -0.83 -0.86
N CYS A 244 0.68 0.01 -0.30
CA CYS A 244 -0.30 0.73 -1.08
C CYS A 244 -0.07 2.23 -0.92
N GLY A 245 0.35 2.87 -2.00
CA GLY A 245 0.53 4.32 -1.99
C GLY A 245 -0.64 5.02 -2.66
N ALA A 246 -0.93 6.22 -2.18
CA ALA A 246 -2.06 6.96 -2.71
C ALA A 246 -1.75 8.43 -2.74
N ASP A 247 -2.18 9.07 -3.81
CA ASP A 247 -2.00 10.50 -3.96
C ASP A 247 -3.29 11.28 -3.89
N SER A 248 -3.46 12.05 -2.84
CA SER A 248 -4.66 12.85 -2.71
C SER A 248 -4.38 14.09 -1.88
N ASN A 249 -5.05 15.18 -2.21
CA ASN A 249 -4.90 16.39 -1.43
C ASN A 249 -5.61 16.28 -0.14
N PRO A 250 -6.91 15.96 -0.21
CA PRO A 250 -7.44 15.76 1.14
C PRO A 250 -6.85 14.49 1.74
N PRO A 251 -6.92 14.36 3.07
CA PRO A 251 -6.37 13.07 3.52
C PRO A 251 -7.01 11.79 2.88
N PRO A 252 -6.22 10.80 2.40
CA PRO A 252 -7.08 9.80 1.75
C PRO A 252 -7.44 8.75 2.86
N LEU A 253 -8.49 7.95 2.75
CA LEU A 253 -8.59 6.75 3.63
C LEU A 253 -8.05 5.47 2.96
N LEU A 254 -7.01 4.83 3.49
CA LEU A 254 -6.49 3.60 2.88
C LEU A 254 -7.03 2.35 3.59
N THR A 255 -7.45 1.35 2.81
CA THR A 255 -8.05 0.12 3.34
C THR A 255 -7.46 -1.12 2.67
N TRP A 256 -6.85 -2.01 3.44
CA TRP A 256 -6.41 -3.28 2.88
C TRP A 256 -7.50 -4.32 3.01
N MET A 257 -7.83 -4.96 1.90
CA MET A 257 -8.91 -5.93 1.91
C MET A 257 -8.57 -7.18 1.12
N ARG A 258 -9.15 -8.29 1.57
CA ARG A 258 -9.12 -9.54 0.82
C ARG A 258 -10.33 -10.37 1.17
N ASP A 259 -10.94 -10.96 0.14
CA ASP A 259 -12.09 -11.81 0.37
C ASP A 259 -13.25 -11.15 1.09
N GLY A 260 -13.51 -9.86 0.85
CA GLY A 260 -14.62 -9.27 1.57
C GLY A 260 -14.41 -9.03 3.05
N MET A 261 -13.16 -8.95 3.48
CA MET A 261 -12.84 -8.77 4.90
C MET A 261 -12.08 -7.46 5.15
N VAL A 262 -12.09 -7.04 6.42
CA VAL A 262 -11.43 -5.80 6.86
C VAL A 262 -9.90 -5.70 6.92
N LEU A 263 -9.23 -6.64 7.60
CA LEU A 263 -7.76 -6.61 7.74
C LEU A 263 -7.24 -5.30 8.35
N ARG A 264 -6.40 -4.58 7.63
CA ARG A 264 -5.90 -3.29 8.10
C ARG A 264 -6.47 -2.08 7.36
N GLU A 265 -6.63 -0.97 8.09
CA GLU A 265 -7.25 0.24 7.58
C GLU A 265 -6.63 1.49 8.23
N ALA A 266 -6.30 2.51 7.43
CA ALA A 266 -5.68 3.71 7.98
C ALA A 266 -5.75 4.93 7.03
N VAL A 267 -5.90 6.11 7.62
CA VAL A 267 -5.82 7.38 6.90
C VAL A 267 -4.38 7.86 6.77
N ALA A 268 -3.76 7.57 5.64
CA ALA A 268 -2.36 7.96 5.41
C ALA A 268 -2.06 8.01 3.92
N LYS A 269 -0.87 8.47 3.57
CA LYS A 269 -0.47 8.55 2.17
C LYS A 269 -0.01 7.18 1.68
N SER A 270 0.54 6.40 2.59
CA SER A 270 0.97 5.04 2.27
C SER A 270 0.68 4.09 3.43
N LEU A 271 0.36 2.83 3.13
CA LEU A 271 0.02 1.87 4.18
C LEU A 271 0.63 0.50 3.93
N TYR A 272 1.39 0.01 4.90
CA TYR A 272 2.04 -1.29 4.82
C TYR A 272 1.20 -2.42 5.40
N LEU A 273 1.17 -3.56 4.72
CA LEU A 273 0.60 -4.76 5.33
C LEU A 273 1.71 -5.78 5.55
N ASP A 274 2.09 -6.01 6.80
CA ASP A 274 3.21 -6.91 7.05
C ASP A 274 2.71 -8.30 7.41
N LEU A 275 3.13 -9.29 6.62
CA LEU A 275 2.76 -10.67 6.94
C LEU A 275 3.95 -11.54 7.30
N GLU A 276 3.90 -12.08 8.52
CA GLU A 276 4.93 -12.95 9.08
C GLU A 276 4.38 -14.37 9.17
N GLU A 277 5.24 -15.39 9.05
CA GLU A 277 4.78 -16.78 9.05
C GLU A 277 3.65 -17.10 8.05
N VAL A 278 3.95 -16.87 6.78
CA VAL A 278 3.09 -16.94 5.61
C VAL A 278 2.51 -18.37 5.35
N THR A 279 1.19 -18.53 5.24
CA THR A 279 0.63 -19.88 5.01
C THR A 279 0.03 -19.98 3.61
N PRO A 280 -0.19 -21.20 3.08
CA PRO A 280 -0.89 -21.29 1.79
C PRO A 280 -2.28 -20.67 1.79
N GLY A 281 -2.85 -20.49 2.98
CA GLY A 281 -4.11 -19.80 3.13
C GLY A 281 -4.01 -18.30 2.96
N GLU A 282 -2.80 -17.76 3.04
CA GLU A 282 -2.58 -16.33 2.87
C GLU A 282 -2.52 -16.04 1.37
N ASP A 283 -2.38 -17.11 0.59
CA ASP A 283 -2.31 -17.02 -0.86
C ASP A 283 -3.63 -16.50 -1.38
N GLY A 284 -3.56 -15.64 -2.38
CA GLY A 284 -4.77 -15.11 -2.94
C GLY A 284 -4.51 -13.72 -3.42
N VAL A 285 -5.55 -13.08 -3.92
CA VAL A 285 -5.42 -11.74 -4.44
C VAL A 285 -5.82 -10.69 -3.40
N TYR A 286 -4.91 -9.77 -3.14
CA TYR A 286 -5.16 -8.65 -2.22
C TYR A 286 -5.42 -7.35 -2.94
N ALA A 287 -6.45 -6.66 -2.47
CA ALA A 287 -6.90 -5.42 -3.04
C ALA A 287 -6.71 -4.29 -2.05
N CYS A 288 -6.24 -3.15 -2.55
CA CYS A 288 -6.12 -1.97 -1.74
C CYS A 288 -7.10 -0.94 -2.26
N LEU A 289 -8.00 -0.51 -1.37
CA LEU A 289 -9.02 0.45 -1.74
C LEU A 289 -8.71 1.81 -1.14
N ALA A 290 -8.75 2.82 -2.00
CA ALA A 290 -8.53 4.19 -1.60
C ALA A 290 -9.81 4.96 -1.86
N GLU A 291 -10.29 5.64 -0.83
CA GLU A 291 -11.56 6.29 -0.93
C GLU A 291 -11.45 7.59 -0.23
N ASN A 292 -12.03 8.58 -0.90
CA ASN A 292 -12.10 9.97 -0.46
C ASN A 292 -13.49 10.50 -0.83
N ALA A 293 -13.91 11.53 -0.10
CA ALA A 293 -15.21 12.15 -0.29
C ALA A 293 -15.30 12.72 -1.68
N TYR A 294 -14.20 12.67 -2.42
CA TYR A 294 -14.14 13.37 -3.68
C TYR A 294 -13.82 12.38 -4.80
N GLY A 295 -13.72 11.11 -4.41
CA GLY A 295 -13.50 10.00 -5.33
C GLY A 295 -12.85 8.78 -4.70
N GLN A 296 -12.49 7.84 -5.56
CA GLN A 296 -11.87 6.61 -5.11
C GLN A 296 -11.08 5.94 -6.22
N ASP A 297 -10.15 5.07 -5.82
CA ASP A 297 -9.38 4.25 -6.74
C ASP A 297 -8.95 2.96 -6.05
N ASN A 298 -8.80 1.89 -6.82
CA ASN A 298 -8.39 0.60 -6.27
C ASN A 298 -7.56 -0.29 -7.22
N ARG A 299 -6.61 -1.03 -6.63
CA ARG A 299 -5.77 -1.97 -7.39
C ARG A 299 -5.66 -3.31 -6.67
N THR A 300 -5.32 -4.34 -7.43
CA THR A 300 -5.15 -5.69 -6.92
C THR A 300 -3.75 -6.22 -7.19
N VAL A 301 -3.31 -7.14 -6.34
CA VAL A 301 -2.02 -7.81 -6.47
C VAL A 301 -2.17 -9.28 -6.14
N GLU A 302 -1.62 -10.14 -6.99
CA GLU A 302 -1.74 -11.55 -6.69
C GLU A 302 -0.53 -11.95 -5.86
N LEU A 303 -0.82 -12.47 -4.69
CA LEU A 303 0.16 -13.01 -3.76
C LEU A 303 0.25 -14.50 -3.94
N SER A 304 1.44 -15.02 -4.18
CA SER A 304 1.58 -16.46 -4.35
C SER A 304 2.60 -17.01 -3.36
N VAL A 305 2.09 -17.79 -2.40
CA VAL A 305 2.91 -18.54 -1.44
C VAL A 305 3.42 -19.87 -1.93
N MET A 306 4.74 -19.97 -1.94
CA MET A 306 5.47 -21.10 -2.47
C MET A 306 6.23 -21.85 -1.38
N TYR A 307 6.12 -23.18 -1.38
CA TYR A 307 6.81 -24.04 -0.43
C TYR A 307 6.93 -25.44 -1.00
N ALA A 308 7.99 -26.14 -0.61
CA ALA A 308 8.16 -27.54 -0.95
C ALA A 308 6.91 -28.37 -0.66
N PRO A 309 6.56 -29.28 -1.59
CA PRO A 309 5.41 -30.17 -1.48
C PRO A 309 5.43 -30.95 -0.17
N TRP A 310 4.25 -31.28 0.32
CA TRP A 310 4.11 -32.06 1.54
C TRP A 310 4.58 -33.49 1.26
N LYS A 311 4.81 -34.27 2.32
CA LYS A 311 5.19 -35.66 2.13
C LYS A 311 4.08 -36.40 1.40
N PRO A 312 4.44 -37.08 0.30
CA PRO A 312 3.46 -37.78 -0.54
C PRO A 312 2.63 -38.82 0.19
N THR A 313 1.41 -38.99 -0.27
CA THR A 313 0.49 -39.95 0.30
C THR A 313 0.25 -40.98 -0.78
N VAL A 314 0.46 -42.24 -0.42
CA VAL A 314 0.25 -43.33 -1.37
C VAL A 314 -0.82 -44.29 -0.88
N ASN A 315 -1.95 -44.29 -1.57
CA ASN A 315 -3.03 -45.20 -1.28
C ASN A 315 -3.35 -46.03 -2.52
N GLY A 316 -3.95 -47.19 -2.34
CA GLY A 316 -4.17 -48.12 -3.43
C GLY A 316 -4.17 -49.56 -2.93
N THR A 317 -3.38 -50.41 -3.58
CA THR A 317 -3.32 -51.81 -3.21
C THR A 317 -1.92 -52.22 -2.74
N VAL A 318 -1.85 -52.80 -1.55
CA VAL A 318 -0.58 -53.20 -0.95
C VAL A 318 -0.30 -54.68 -1.20
N VAL A 319 -1.35 -55.50 -1.14
CA VAL A 319 -1.21 -56.93 -1.36
C VAL A 319 -1.96 -57.36 -2.62
N ALA A 320 -1.35 -58.27 -3.39
CA ALA A 320 -1.95 -58.76 -4.63
C ALA A 320 -1.34 -60.08 -5.05
N VAL A 321 -2.18 -61.01 -5.51
CA VAL A 321 -1.70 -62.29 -5.98
C VAL A 321 -1.00 -62.14 -7.33
N GLU A 322 -0.39 -63.21 -7.80
CA GLU A 322 0.33 -63.19 -9.06
C GLU A 322 -0.61 -62.84 -10.21
N GLY A 323 -0.09 -62.12 -11.20
CA GLY A 323 -0.84 -61.83 -12.42
C GLY A 323 -1.94 -60.79 -12.28
N GLU A 324 -2.34 -60.50 -11.05
CA GLU A 324 -3.35 -59.49 -10.78
C GLU A 324 -2.83 -58.13 -11.20
N THR A 325 -3.71 -57.16 -11.39
CA THR A 325 -3.27 -55.81 -11.76
C THR A 325 -3.20 -54.91 -10.54
N VAL A 326 -2.01 -54.35 -10.31
CA VAL A 326 -1.82 -53.44 -9.18
C VAL A 326 -1.88 -51.99 -9.63
N SER A 327 -2.90 -51.28 -9.16
CA SER A 327 -2.98 -49.85 -9.41
C SER A 327 -2.55 -49.11 -8.15
N ILE A 328 -1.59 -48.20 -8.31
CA ILE A 328 -1.13 -47.37 -7.21
C ILE A 328 -1.01 -45.93 -7.67
N LEU A 329 -1.59 -45.00 -6.90
CA LEU A 329 -1.49 -43.58 -7.18
C LEU A 329 -0.73 -42.89 -6.06
N CYS A 330 0.11 -41.93 -6.41
CA CYS A 330 0.87 -41.15 -5.46
C CYS A 330 0.45 -39.69 -5.56
N SER A 331 -0.26 -39.19 -4.55
CA SER A 331 -0.85 -37.85 -4.62
C SER A 331 -0.25 -36.87 -3.64
N THR A 332 0.11 -35.63 -4.10
CA THR A 332 0.74 -34.59 -3.30
C THR A 332 0.42 -33.19 -3.77
N GLN A 333 -0.14 -32.39 -2.86
CA GLN A 333 -0.41 -31.00 -3.15
C GLN A 333 0.87 -30.19 -3.00
N SER A 334 1.07 -29.25 -3.92
CA SER A 334 2.27 -28.42 -3.91
C SER A 334 2.00 -27.03 -4.43
N ASN A 335 2.49 -26.04 -3.70
CA ASN A 335 2.32 -24.66 -4.11
C ASN A 335 3.07 -24.33 -5.44
N PRO A 336 4.30 -24.79 -5.58
CA PRO A 336 5.04 -24.61 -6.83
C PRO A 336 4.84 -25.96 -7.50
N ASP A 337 4.43 -26.00 -8.76
CA ASP A 337 4.20 -27.31 -9.38
C ASP A 337 5.47 -28.12 -9.34
N PRO A 338 5.32 -29.44 -8.94
CA PRO A 338 6.56 -30.20 -8.86
C PRO A 338 6.56 -31.47 -9.68
N ILE A 339 7.77 -31.88 -10.05
CA ILE A 339 8.02 -33.11 -10.80
C ILE A 339 8.34 -34.23 -9.82
N LEU A 340 7.63 -35.34 -9.92
CA LEU A 340 7.87 -36.44 -8.99
C LEU A 340 8.04 -37.77 -9.69
N THR A 341 8.47 -38.77 -8.92
CA THR A 341 8.86 -40.04 -9.48
C THR A 341 8.84 -41.14 -8.41
N ILE A 342 8.44 -42.33 -8.84
CA ILE A 342 8.50 -43.51 -7.98
C ILE A 342 9.40 -44.61 -8.59
N PHE A 343 9.98 -45.43 -7.72
CA PHE A 343 11.03 -46.37 -8.14
C PHE A 343 11.47 -47.39 -7.08
N LYS A 344 11.72 -48.61 -7.53
CA LYS A 344 12.35 -49.64 -6.70
C LYS A 344 13.86 -49.49 -6.79
N GLU A 345 14.57 -50.33 -6.05
CA GLU A 345 16.02 -50.34 -6.13
C GLU A 345 16.46 -50.83 -7.50
N LYS A 346 17.50 -50.19 -8.04
CA LYS A 346 18.14 -50.60 -9.30
C LYS A 346 17.26 -50.27 -10.53
N GLN A 347 16.09 -49.69 -10.30
CA GLN A 347 15.19 -49.36 -11.42
C GLN A 347 14.10 -48.33 -11.12
N ILE A 348 13.80 -47.50 -12.11
CA ILE A 348 12.81 -46.44 -11.92
C ILE A 348 11.55 -46.70 -12.77
N LEU A 349 10.40 -46.83 -12.09
CA LEU A 349 9.20 -47.34 -12.74
C LEU A 349 8.48 -46.29 -13.59
N ALA A 350 8.29 -45.10 -13.03
CA ALA A 350 7.52 -44.07 -13.73
C ALA A 350 7.88 -42.65 -13.26
N THR A 351 7.69 -41.69 -14.17
CA THR A 351 8.02 -40.28 -13.91
C THR A 351 7.00 -39.33 -14.54
N VAL A 352 6.47 -38.41 -13.73
CA VAL A 352 5.64 -37.35 -14.29
C VAL A 352 6.20 -35.96 -13.97
N ILE A 353 5.96 -35.02 -14.88
CA ILE A 353 6.56 -33.69 -14.80
C ILE A 353 5.53 -32.57 -14.60
N TYR A 354 5.75 -31.76 -13.57
CA TYR A 354 4.88 -30.63 -13.25
C TYR A 354 3.41 -31.04 -13.15
N GLU A 355 3.13 -32.04 -12.31
CA GLU A 355 1.77 -32.50 -12.09
C GLU A 355 1.52 -32.89 -10.63
N SER A 356 0.26 -32.79 -10.21
CA SER A 356 -0.12 -33.00 -8.82
C SER A 356 0.06 -34.44 -8.37
N GLN A 357 -0.21 -35.39 -9.27
CA GLN A 357 -0.16 -36.80 -8.89
C GLN A 357 0.22 -37.74 -10.04
N LEU A 358 0.84 -38.86 -9.67
CA LEU A 358 1.27 -39.87 -10.63
C LEU A 358 0.66 -41.22 -10.32
N GLN A 359 0.20 -41.93 -11.35
CA GLN A 359 -0.38 -43.25 -11.16
C GLN A 359 0.47 -44.34 -11.80
N LEU A 360 0.75 -45.39 -11.03
CA LEU A 360 1.48 -46.54 -11.53
C LEU A 360 0.58 -47.75 -11.64
N GLU A 361 0.61 -48.42 -12.78
CA GLU A 361 -0.15 -49.66 -12.96
C GLU A 361 0.74 -50.78 -13.47
N LEU A 362 0.69 -51.90 -12.75
CA LEU A 362 1.41 -53.11 -13.13
C LEU A 362 0.39 -54.18 -13.53
N PRO A 363 0.24 -54.42 -14.83
CA PRO A 363 -0.82 -55.28 -15.38
C PRO A 363 -0.78 -56.69 -14.80
N ALA A 364 0.32 -57.39 -15.02
CA ALA A 364 0.53 -58.69 -14.40
C ALA A 364 1.72 -58.60 -13.48
N VAL A 365 1.57 -59.15 -12.28
CA VAL A 365 2.63 -59.01 -11.29
C VAL A 365 3.45 -60.27 -11.13
N THR A 366 4.71 -60.18 -11.55
CA THR A 366 5.68 -61.25 -11.36
C THR A 366 6.10 -61.24 -9.88
N PRO A 367 6.73 -62.33 -9.42
CA PRO A 367 7.21 -62.32 -8.03
C PRO A 367 8.24 -61.23 -7.75
N GLU A 368 9.07 -60.86 -8.73
CA GLU A 368 10.14 -59.91 -8.48
C GLU A 368 9.62 -58.50 -8.18
N ASP A 369 8.31 -58.30 -8.33
CA ASP A 369 7.70 -57.02 -8.01
C ASP A 369 7.57 -56.80 -6.51
N ASP A 370 7.70 -57.86 -5.72
CA ASP A 370 7.66 -57.74 -4.27
C ASP A 370 8.92 -57.03 -3.78
N GLY A 371 8.72 -56.02 -2.95
CA GLY A 371 9.81 -55.21 -2.44
C GLY A 371 9.32 -53.82 -2.09
N GLU A 372 10.14 -53.06 -1.38
CA GLU A 372 9.76 -51.72 -1.00
C GLU A 372 9.95 -50.75 -2.15
N TYR A 373 9.01 -49.81 -2.27
CA TYR A 373 9.07 -48.77 -3.30
C TYR A 373 9.20 -47.40 -2.65
N TRP A 374 9.63 -46.43 -3.45
CA TRP A 374 9.78 -45.06 -2.96
C TRP A 374 9.05 -44.07 -3.86
N CYS A 375 8.31 -43.13 -3.27
CA CYS A 375 7.74 -42.04 -4.04
C CYS A 375 8.34 -40.70 -3.59
N VAL A 376 9.11 -40.07 -4.46
CA VAL A 376 9.75 -38.81 -4.10
C VAL A 376 9.11 -37.60 -4.80
N ALA A 377 8.66 -36.63 -4.00
CA ALA A 377 8.00 -35.44 -4.52
C ALA A 377 8.98 -34.28 -4.68
N GLU A 378 9.93 -34.49 -5.57
CA GLU A 378 10.98 -33.53 -5.91
C GLU A 378 10.43 -32.15 -6.32
N ASN A 379 11.16 -31.08 -5.97
CA ASN A 379 10.76 -29.69 -6.27
C ASN A 379 11.87 -28.65 -5.98
N GLN A 380 11.73 -27.47 -6.59
CA GLN A 380 12.61 -26.32 -6.34
C GLN A 380 12.88 -26.01 -4.86
N TYR A 381 11.83 -25.96 -4.06
CA TYR A 381 11.92 -25.44 -2.71
C TYR A 381 12.09 -26.53 -1.66
N GLY A 382 12.44 -27.73 -2.14
CA GLY A 382 12.67 -28.87 -1.25
C GLY A 382 11.99 -30.12 -1.77
N GLN A 383 12.47 -31.27 -1.31
CA GLN A 383 11.87 -32.54 -1.71
C GLN A 383 11.61 -33.43 -0.50
N ARG A 384 10.46 -34.11 -0.53
CA ARG A 384 10.12 -35.07 0.51
C ARG A 384 9.69 -36.35 -0.16
N ALA A 385 9.87 -37.48 0.53
CA ALA A 385 9.51 -38.76 -0.03
C ALA A 385 8.61 -39.54 0.92
N THR A 386 8.08 -40.65 0.42
CA THR A 386 7.31 -41.57 1.25
C THR A 386 7.51 -42.98 0.70
N ALA A 387 7.49 -43.98 1.58
CA ALA A 387 7.77 -45.35 1.17
C ALA A 387 6.53 -46.22 1.29
N PHE A 388 6.34 -47.10 0.31
CA PHE A 388 5.26 -48.07 0.36
C PHE A 388 5.74 -49.45 -0.10
N ASN A 389 5.23 -50.48 0.57
CA ASN A 389 5.59 -51.86 0.25
C ASN A 389 4.52 -52.56 -0.59
N LEU A 390 4.97 -53.33 -1.57
CA LEU A 390 4.07 -54.12 -2.41
C LEU A 390 4.43 -55.59 -2.31
N SER A 391 3.53 -56.40 -1.76
CA SER A 391 3.80 -57.82 -1.60
C SER A 391 2.97 -58.65 -2.59
N VAL A 392 3.58 -59.71 -3.11
CA VAL A 392 2.96 -60.54 -4.14
C VAL A 392 2.96 -62.01 -3.76
N GLU A 393 1.78 -62.59 -3.61
CA GLU A 393 1.68 -64.00 -3.22
C GLU A 393 1.61 -64.93 -4.42
N PHE A 394 2.15 -66.14 -4.27
CA PHE A 394 2.18 -67.10 -5.37
C PHE A 394 2.45 -68.52 -4.89
N ALA A 395 2.11 -69.50 -5.72
CA ALA A 395 2.37 -70.90 -5.45
C ALA A 395 3.87 -71.12 -5.28
N PRO A 396 4.27 -71.96 -4.31
CA PRO A 396 5.69 -72.08 -3.96
C PRO A 396 6.49 -72.67 -5.10
N ILE A 397 7.68 -72.14 -5.34
CA ILE A 397 8.52 -72.64 -6.41
C ILE A 397 9.78 -73.27 -5.83
N ILE A 398 9.89 -74.59 -5.97
CA ILE A 398 11.02 -75.31 -5.39
C ILE A 398 12.26 -75.15 -6.28
N LEU A 399 13.27 -74.49 -5.73
CA LEU A 399 14.45 -74.11 -6.51
C LEU A 399 15.39 -75.29 -6.69
N LEU A 400 16.01 -75.37 -7.87
CA LEU A 400 16.88 -76.48 -8.19
C LEU A 400 18.23 -76.38 -7.50
N GLU A 401 18.37 -75.41 -6.60
CA GLU A 401 19.55 -75.30 -5.75
C GLU A 401 19.49 -76.35 -4.65
N SER A 402 18.40 -77.11 -4.63
CA SER A 402 18.12 -78.11 -3.60
C SER A 402 18.76 -79.46 -3.90
N HIS A 403 19.18 -80.16 -2.85
CA HIS A 403 19.93 -81.40 -3.02
C HIS A 403 19.99 -82.25 -1.76
N CYS A 404 20.46 -83.49 -1.91
CA CYS A 404 20.68 -84.37 -0.78
C CYS A 404 22.15 -84.75 -0.68
N ALA A 405 22.89 -84.07 0.20
CA ALA A 405 24.28 -84.37 0.44
C ALA A 405 24.40 -85.41 1.54
N ALA A 406 25.14 -86.48 1.29
CA ALA A 406 25.28 -87.55 2.26
C ALA A 406 26.65 -87.51 2.93
N ALA A 407 26.65 -87.62 4.25
CA ALA A 407 27.89 -87.76 5.00
C ALA A 407 28.11 -89.23 5.35
N ARG A 408 29.29 -89.57 5.85
CA ARG A 408 29.68 -90.97 6.00
C ARG A 408 28.76 -91.77 6.93
N ASP A 409 28.22 -91.13 7.96
CA ASP A 409 27.34 -91.84 8.89
C ASP A 409 25.88 -91.49 8.67
N THR A 410 25.61 -90.24 8.32
CA THR A 410 24.24 -89.80 8.12
C THR A 410 24.07 -89.00 6.84
N VAL A 411 22.81 -88.86 6.41
CA VAL A 411 22.50 -88.08 5.22
C VAL A 411 21.68 -86.86 5.63
N GLN A 412 21.91 -85.73 4.98
CA GLN A 412 21.11 -84.55 5.27
C GLN A 412 20.74 -83.82 3.97
N CYS A 413 19.50 -83.35 3.92
CA CYS A 413 18.94 -82.79 2.70
C CYS A 413 18.49 -81.34 2.88
N LEU A 414 18.60 -80.58 1.80
CA LEU A 414 18.20 -79.18 1.80
C LEU A 414 17.35 -78.86 0.59
N CYS A 415 16.13 -78.38 0.82
CA CYS A 415 15.32 -77.88 -0.28
C CYS A 415 14.81 -76.48 0.04
N VAL A 416 14.95 -75.58 -0.92
CA VAL A 416 14.49 -74.21 -0.75
C VAL A 416 13.41 -73.87 -1.77
N VAL A 417 12.35 -73.26 -1.28
CA VAL A 417 11.28 -72.81 -2.16
C VAL A 417 11.05 -71.33 -1.91
N LYS A 418 10.48 -70.63 -2.89
CA LYS A 418 10.11 -69.25 -2.66
C LYS A 418 8.60 -69.09 -2.81
N SER A 419 8.04 -68.27 -1.92
CA SER A 419 6.61 -67.96 -1.91
C SER A 419 6.39 -66.85 -0.89
N ASN A 420 5.37 -66.03 -1.10
CA ASN A 420 5.10 -64.95 -0.15
C ASN A 420 4.30 -65.43 1.05
N PRO A 421 3.28 -66.28 0.83
CA PRO A 421 2.80 -66.94 2.04
C PRO A 421 3.76 -68.08 2.41
N GLU A 422 4.43 -67.98 3.55
CA GLU A 422 5.42 -68.97 3.96
C GLU A 422 4.83 -70.38 3.95
N PRO A 423 5.40 -71.27 3.13
CA PRO A 423 4.83 -72.58 2.83
C PRO A 423 5.22 -73.65 3.82
N SER A 424 4.33 -74.61 4.04
CA SER A 424 4.60 -75.72 4.94
C SER A 424 5.58 -76.69 4.29
N VAL A 425 6.82 -76.71 4.78
CA VAL A 425 7.82 -77.61 4.25
C VAL A 425 7.63 -79.02 4.83
N ALA A 426 7.89 -80.04 4.02
CA ALA A 426 7.72 -81.42 4.45
C ALA A 426 8.67 -82.36 3.73
N PHE A 427 9.08 -83.42 4.40
CA PHE A 427 9.96 -84.42 3.79
C PHE A 427 9.34 -85.80 3.82
N GLU A 428 9.37 -86.46 2.67
CA GLU A 428 8.78 -87.78 2.53
C GLU A 428 9.83 -88.78 2.05
N LEU A 429 9.61 -90.06 2.35
CA LEU A 429 10.50 -91.12 1.89
C LEU A 429 9.85 -92.49 2.02
N PRO A 430 9.89 -93.28 0.93
CA PRO A 430 9.35 -94.64 0.89
C PRO A 430 10.19 -95.64 1.70
N SER A 431 9.78 -95.90 2.93
CA SER A 431 10.48 -96.85 3.79
C SER A 431 9.50 -97.78 4.49
N THR A 435 9.18 -99.25 7.55
CA THR A 435 8.07 -98.62 8.25
C THR A 435 8.60 -97.66 9.32
N VAL A 436 7.83 -97.50 10.40
CA VAL A 436 8.23 -96.63 11.51
C VAL A 436 9.42 -97.23 12.26
N ASN A 437 10.38 -96.37 12.62
CA ASN A 437 11.57 -96.83 13.32
C ASN A 437 11.73 -96.19 14.71
N GLU A 438 12.44 -96.87 15.60
CA GLU A 438 12.83 -96.29 16.88
C GLU A 438 13.58 -95.00 16.64
N THR A 439 13.44 -94.04 17.54
CA THR A 439 13.90 -92.70 17.20
C THR A 439 15.03 -92.21 18.11
N GLU A 440 16.19 -91.79 17.58
CA GLU A 440 16.56 -91.71 16.14
C GLU A 440 15.53 -91.07 15.20
N ARG A 441 15.02 -89.93 15.62
CA ARG A 441 13.96 -89.23 14.90
C ARG A 441 14.55 -88.20 13.96
N GLU A 442 14.11 -88.20 12.72
CA GLU A 442 14.52 -87.15 11.79
C GLU A 442 14.06 -85.81 12.32
N PHE A 443 14.86 -84.77 12.09
CA PHE A 443 14.55 -83.46 12.62
C PHE A 443 15.01 -82.39 11.65
N VAL A 444 14.07 -81.50 11.33
CA VAL A 444 14.31 -80.45 10.35
C VAL A 444 14.37 -79.08 11.02
N TYR A 445 15.08 -78.17 10.37
CA TYR A 445 15.10 -76.78 10.79
C TYR A 445 14.85 -75.91 9.58
N SER A 446 13.98 -74.91 9.74
CA SER A 446 13.57 -74.08 8.62
C SER A 446 13.53 -72.60 8.98
N GLU A 447 14.47 -71.83 8.43
CA GLU A 447 14.47 -70.38 8.61
C GLU A 447 14.08 -69.67 7.32
N ARG A 448 13.45 -68.51 7.47
CA ARG A 448 12.92 -67.79 6.33
C ARG A 448 13.58 -66.44 6.14
N SER A 449 13.89 -66.11 4.89
CA SER A 449 14.51 -64.84 4.55
C SER A 449 14.04 -64.34 3.20
N GLY A 450 13.31 -63.23 3.21
CA GLY A 450 12.70 -62.73 2.00
C GLY A 450 11.52 -63.62 1.62
N LEU A 451 11.53 -64.11 0.38
CA LEU A 451 10.51 -65.05 -0.07
C LEU A 451 10.99 -66.48 0.12
N LEU A 452 12.29 -66.62 0.40
CA LEU A 452 12.92 -67.93 0.47
C LEU A 452 12.72 -68.63 1.82
N LEU A 453 12.11 -69.80 1.75
CA LEU A 453 12.04 -70.70 2.90
C LEU A 453 13.15 -71.73 2.75
N THR A 454 14.17 -71.63 3.60
CA THR A 454 15.29 -72.57 3.56
C THR A 454 15.20 -73.57 4.70
N SER A 455 15.15 -74.86 4.36
CA SER A 455 14.96 -75.90 5.36
C SER A 455 15.91 -77.09 5.17
N ILE A 456 16.48 -77.57 6.28
CA ILE A 456 17.45 -78.64 6.24
C ILE A 456 17.06 -79.84 7.12
N LEU A 457 16.96 -81.01 6.50
CA LEU A 457 16.64 -82.26 7.19
C LEU A 457 17.91 -83.04 7.49
N THR A 458 17.90 -83.84 8.55
CA THR A 458 18.99 -84.76 8.84
C THR A 458 18.47 -86.15 9.20
N ILE A 459 18.65 -87.10 8.30
CA ILE A 459 18.23 -88.49 8.54
C ILE A 459 19.43 -89.34 8.97
N ARG A 460 19.36 -89.87 10.19
CA ARG A 460 20.55 -90.44 10.82
C ARG A 460 20.67 -91.96 10.74
N GLY A 461 21.89 -92.42 10.52
CA GLY A 461 22.19 -93.84 10.47
C GLY A 461 21.57 -94.54 9.27
N GLN A 462 21.39 -93.79 8.19
CA GLN A 462 20.86 -94.36 6.97
C GLN A 462 21.94 -95.15 6.24
N ALA A 463 21.57 -96.32 5.72
CA ALA A 463 22.52 -97.22 5.05
C ALA A 463 23.23 -96.53 3.90
N GLN A 464 24.37 -97.11 3.49
CA GLN A 464 25.21 -96.53 2.44
C GLN A 464 24.43 -96.24 1.17
N ALA A 465 23.48 -97.11 0.85
CA ALA A 465 22.55 -96.87 -0.24
C ALA A 465 21.66 -95.67 0.11
N PRO A 466 21.82 -94.57 -0.65
CA PRO A 466 21.08 -93.33 -0.38
C PRO A 466 19.57 -93.49 -0.56
N PRO A 467 18.79 -93.12 0.46
CA PRO A 467 17.33 -93.23 0.43
C PRO A 467 16.66 -92.09 -0.36
N ARG A 468 15.64 -92.42 -1.14
CA ARG A 468 14.91 -91.41 -1.88
C ARG A 468 14.26 -90.40 -0.95
N VAL A 469 14.68 -89.14 -1.06
CA VAL A 469 14.10 -88.07 -0.26
C VAL A 469 13.28 -87.14 -1.15
N ILE A 470 12.06 -86.86 -0.72
CA ILE A 470 11.16 -86.03 -1.50
C ILE A 470 10.63 -84.85 -0.68
N CYS A 471 10.87 -83.64 -1.19
CA CYS A 471 10.47 -82.42 -0.52
C CYS A 471 9.14 -81.89 -1.07
N THR A 472 8.22 -81.52 -0.19
CA THR A 472 6.92 -80.98 -0.59
C THR A 472 6.55 -79.74 0.22
N SER A 473 6.07 -78.70 -0.45
CA SER A 473 5.62 -77.49 0.23
C SER A 473 4.29 -76.98 -0.33
N ARG A 474 3.38 -76.62 0.57
CA ARG A 474 2.04 -76.19 0.21
C ARG A 474 1.71 -74.80 0.75
N ASN A 475 1.24 -73.92 -0.13
CA ASN A 475 0.57 -72.70 0.32
C ASN A 475 -0.88 -72.75 -0.15
N LEU A 476 -1.59 -71.65 0.04
CA LEU A 476 -3.01 -71.59 -0.32
C LEU A 476 -3.20 -71.75 -1.81
N TYR A 477 -2.24 -71.26 -2.59
CA TYR A 477 -2.38 -71.11 -4.02
C TYR A 477 -2.01 -72.37 -4.80
N GLY A 478 -1.00 -73.09 -4.32
CA GLY A 478 -0.56 -74.28 -5.00
C GLY A 478 0.34 -75.18 -4.18
N THR A 479 0.87 -76.22 -4.82
CA THR A 479 1.75 -77.16 -4.16
C THR A 479 2.83 -77.68 -5.11
N GLN A 480 4.02 -77.94 -4.58
CA GLN A 480 5.10 -78.48 -5.40
C GLN A 480 5.90 -79.55 -4.65
N SER A 481 6.43 -80.50 -5.41
CA SER A 481 7.17 -81.62 -4.86
C SER A 481 8.31 -82.05 -5.77
N LEU A 482 9.53 -81.87 -5.29
CA LEU A 482 10.70 -82.29 -6.06
C LEU A 482 11.38 -83.50 -5.42
N GLU A 483 11.56 -84.54 -6.21
CA GLU A 483 12.35 -85.69 -5.76
C GLU A 483 13.82 -85.30 -5.82
N LEU A 484 14.42 -85.15 -4.65
CA LEU A 484 15.74 -84.53 -4.54
C LEU A 484 16.88 -85.42 -5.05
N PRO A 485 17.93 -84.80 -5.62
CA PRO A 485 19.11 -85.48 -6.14
C PRO A 485 20.24 -85.63 -5.11
N PHE A 486 21.25 -86.44 -5.43
CA PHE A 486 22.39 -86.63 -4.54
C PHE A 486 23.68 -86.10 -5.17
N GLN A 487 24.63 -85.70 -4.32
CA GLN A 487 25.88 -85.14 -4.79
C GLN A 487 27.09 -85.86 -4.21
N GLY A 488 27.42 -87.02 -4.78
CA GLY A 488 28.51 -87.84 -4.30
C GLY A 488 29.89 -87.27 -4.59
N ALA A 489 30.81 -87.46 -3.65
CA ALA A 489 32.19 -86.97 -3.76
C ALA A 489 32.25 -85.47 -4.03
#